data_2X55
#
_entry.id   2X55
#
_cell.length_a   140.341
_cell.length_b   140.341
_cell.length_c   130.426
_cell.angle_alpha   90.00
_cell.angle_beta   90.00
_cell.angle_gamma   120.00
#
_symmetry.space_group_name_H-M   'P 65 2 2'
#
loop_
_entity.id
_entity.type
_entity.pdbx_description
1 polymer COAGULASE/FIBRINOLYSIN
2 non-polymer (HYDROXYETHYLOXY)TRI(ETHYLOXY)OCTANE
3 non-polymer 'SULFATE ION'
4 water water
#
_entity_poly.entity_id   1
_entity_poly.type   'polypeptide(L)'
_entity_poly.pdbx_seq_one_letter_code
;ASSQLIPNISPDSFTVAASTGMLSGKSHEMLYDAETGRKISQLDWKIKNVAILKGDISWDPYSFLTLNARGWTSLASGSG
NMDDYDWMNENQSEWTDHSSHPATNVNHANEYDLNVKGWLLQDENYKAGITAGYQETRFSWTATGGSYSYNNGAYTGNFP
KGVRVIGYNQRFSMPYIGLAGQYRINDFELNALFKFSDWVRAHDNDEHYMRDLTFREKTSGSRYYGTVINAGYYVTPNAK
VFAEFTYSKYDEGKGGTQTIDKNSGDSVSIGGDAAGISNKNYTVTAGLQYRFG
;
_entity_poly.pdbx_strand_id   A
#
loop_
_chem_comp.id
_chem_comp.type
_chem_comp.name
_chem_comp.formula
C8E non-polymer (HYDROXYETHYLOXY)TRI(ETHYLOXY)OCTANE 'C16 H34 O5'
SO4 non-polymer 'SULFATE ION' 'O4 S -2'
#
# COMPACT_ATOMS: atom_id res chain seq x y z
N GLN A 4 -28.07 23.28 -8.58
CA GLN A 4 -26.97 23.31 -9.55
C GLN A 4 -26.28 24.64 -9.57
N LEU A 5 -25.03 24.64 -10.06
CA LEU A 5 -24.21 25.83 -10.20
C LEU A 5 -22.74 25.51 -9.91
N ILE A 6 -22.31 25.87 -8.70
CA ILE A 6 -21.03 25.43 -8.16
C ILE A 6 -21.31 24.59 -6.91
N PRO A 7 -20.24 23.97 -6.35
CA PRO A 7 -20.48 23.15 -5.15
C PRO A 7 -20.94 24.00 -3.98
N ASN A 8 -21.78 23.41 -3.14
CA ASN A 8 -22.20 24.02 -1.90
C ASN A 8 -21.28 23.59 -0.77
N ILE A 9 -20.48 24.51 -0.27
CA ILE A 9 -19.59 24.22 0.82
C ILE A 9 -19.86 25.20 1.95
N SER A 10 -20.40 24.67 3.04
CA SER A 10 -20.78 25.49 4.18
C SER A 10 -19.75 25.37 5.28
N PRO A 11 -19.75 26.36 6.19
CA PRO A 11 -18.85 26.25 7.34
C PRO A 11 -19.22 25.06 8.22
N ASP A 12 -18.20 24.44 8.81
CA ASP A 12 -18.40 23.34 9.74
C ASP A 12 -19.12 22.15 9.11
N SER A 13 -18.90 21.93 7.83
CA SER A 13 -19.56 20.83 7.15
C SER A 13 -18.67 19.59 7.18
N PHE A 14 -19.22 18.46 6.75
CA PHE A 14 -18.40 17.27 6.64
C PHE A 14 -18.79 16.45 5.43
N THR A 15 -17.90 15.57 5.00
CA THR A 15 -18.15 14.79 3.82
C THR A 15 -17.96 13.32 4.13
N VAL A 16 -18.72 12.49 3.42
CA VAL A 16 -18.54 11.05 3.46
C VAL A 16 -18.39 10.58 2.03
N ALA A 17 -17.43 9.70 1.79
CA ALA A 17 -17.22 9.19 0.44
C ALA A 17 -16.96 7.69 0.52
N ALA A 18 -17.45 6.96 -0.48
CA ALA A 18 -17.10 5.55 -0.60
C ALA A 18 -16.81 5.26 -2.06
N SER A 19 -15.84 4.40 -2.30
CA SER A 19 -15.49 4.02 -3.66
C SER A 19 -15.08 2.56 -3.73
N THR A 20 -15.14 1.99 -4.91
CA THR A 20 -14.77 0.59 -5.08
C THR A 20 -13.85 0.46 -6.28
N GLY A 21 -12.98 -0.53 -6.25
CA GLY A 21 -12.06 -0.66 -7.35
C GLY A 21 -11.05 -1.72 -7.03
N MET A 22 -9.82 -1.49 -7.48
CA MET A 22 -8.80 -2.52 -7.44
C MET A 22 -7.49 -2.07 -6.81
N LEU A 23 -6.81 -3.04 -6.20
CA LEU A 23 -5.49 -2.86 -5.60
C LEU A 23 -4.51 -3.78 -6.34
N SER A 24 -3.34 -3.25 -6.66
CA SER A 24 -2.25 -4.05 -7.24
C SER A 24 -0.95 -3.56 -6.63
N GLY A 25 0.08 -4.39 -6.69
CA GLY A 25 1.35 -3.98 -6.15
C GLY A 25 2.31 -5.15 -6.01
N LYS A 26 3.42 -4.87 -5.35
CA LYS A 26 4.46 -5.88 -5.17
C LYS A 26 5.27 -5.59 -3.93
N SER A 27 5.44 -6.62 -3.10
CA SER A 27 6.25 -6.50 -1.90
C SER A 27 7.51 -7.34 -2.02
N HIS A 28 8.53 -6.95 -1.28
CA HIS A 28 9.79 -7.70 -1.19
C HIS A 28 10.09 -8.05 0.26
N GLU A 29 10.52 -9.30 0.42
CA GLU A 29 10.90 -9.86 1.72
C GLU A 29 12.35 -10.30 1.54
N MET A 30 13.26 -9.63 2.25
CA MET A 30 14.70 -9.76 1.98
C MET A 30 15.49 -10.32 3.14
N LEU A 31 16.51 -11.14 2.82
CA LEU A 31 17.51 -11.52 3.81
C LEU A 31 18.88 -11.14 3.28
N TYR A 32 19.62 -10.34 4.07
CA TYR A 32 21.01 -9.99 3.73
C TYR A 32 22.00 -10.65 4.67
N ASP A 33 23.22 -10.81 4.19
CA ASP A 33 24.35 -11.18 5.03
C ASP A 33 24.76 -9.90 5.75
N ALA A 34 24.57 -9.87 7.07
CA ALA A 34 24.82 -8.64 7.82
C ALA A 34 26.29 -8.24 7.78
N GLU A 35 27.16 -9.22 7.52
CA GLU A 35 28.59 -8.96 7.51
C GLU A 35 29.03 -8.22 6.25
N THR A 36 28.44 -8.60 5.11
CA THR A 36 28.93 -8.12 3.81
C THR A 36 27.94 -7.23 3.09
N GLY A 37 26.69 -7.27 3.51
CA GLY A 37 25.63 -6.56 2.81
C GLY A 37 25.09 -7.33 1.63
N ARG A 38 25.66 -8.49 1.36
CA ARG A 38 25.26 -9.26 0.18
C ARG A 38 23.87 -9.84 0.38
N LYS A 39 23.07 -9.78 -0.68
CA LYS A 39 21.72 -10.31 -0.62
C LYS A 39 21.77 -11.84 -0.66
N ILE A 40 21.11 -12.49 0.30
CA ILE A 40 21.03 -13.94 0.37
C ILE A 40 19.70 -14.48 -0.16
N SER A 41 18.60 -13.84 0.24
CA SER A 41 17.28 -14.29 -0.20
C SER A 41 16.41 -13.09 -0.55
N GLN A 42 15.51 -13.30 -1.50
CA GLN A 42 14.53 -12.30 -1.91
C GLN A 42 13.25 -13.01 -2.33
N LEU A 43 12.15 -12.75 -1.60
CA LEU A 43 10.88 -13.26 -2.02
C LEU A 43 10.06 -12.07 -2.54
N ASP A 44 9.58 -12.20 -3.77
CA ASP A 44 8.75 -11.18 -4.41
C ASP A 44 7.30 -11.59 -4.33
N TRP A 45 6.49 -10.81 -3.60
CA TRP A 45 5.08 -11.10 -3.38
C TRP A 45 4.22 -10.12 -4.16
N LYS A 46 3.53 -10.63 -5.17
CA LYS A 46 2.73 -9.78 -6.06
C LYS A 46 1.27 -9.72 -5.63
N ILE A 47 0.65 -8.57 -5.82
CA ILE A 47 -0.79 -8.43 -5.65
C ILE A 47 -1.30 -8.10 -7.04
N LYS A 48 -2.04 -9.02 -7.65
CA LYS A 48 -2.37 -8.89 -9.06
C LYS A 48 -3.67 -8.14 -9.17
N ASN A 49 -4.72 -8.77 -8.69
CA ASN A 49 -5.96 -8.05 -8.60
C ASN A 49 -6.68 -8.37 -7.32
N VAL A 50 -6.88 -7.33 -6.52
CA VAL A 50 -7.68 -7.47 -5.34
C VAL A 50 -8.76 -6.39 -5.40
N ALA A 51 -10.01 -6.82 -5.30
CA ALA A 51 -11.13 -5.88 -5.20
C ALA A 51 -11.14 -5.23 -3.83
N ILE A 52 -11.30 -3.90 -3.78
CA ILE A 52 -11.28 -3.19 -2.52
C ILE A 52 -12.47 -2.24 -2.42
N LEU A 53 -12.84 -1.93 -1.18
CA LEU A 53 -13.79 -0.87 -0.88
C LEU A 53 -13.04 0.18 -0.07
N LYS A 54 -13.26 1.44 -0.40
CA LYS A 54 -12.50 2.54 0.18
C LYS A 54 -13.47 3.58 0.71
N GLY A 55 -13.18 4.15 1.88
CA GLY A 55 -14.04 5.14 2.49
C GLY A 55 -13.25 6.34 2.97
N ASP A 56 -13.93 7.49 3.06
CA ASP A 56 -13.26 8.70 3.51
C ASP A 56 -14.31 9.53 4.24
N ILE A 57 -13.96 10.01 5.41
CA ILE A 57 -14.82 10.96 6.11
C ILE A 57 -13.97 12.17 6.43
N SER A 58 -14.50 13.35 6.15
CA SER A 58 -13.72 14.55 6.45
C SER A 58 -14.64 15.56 7.12
N TRP A 59 -14.04 16.41 7.95
CA TRP A 59 -14.78 17.43 8.67
C TRP A 59 -13.96 18.70 8.61
N ASP A 60 -14.63 19.82 8.30
CA ASP A 60 -13.95 21.10 8.23
C ASP A 60 -14.42 21.99 9.37
N PRO A 61 -13.87 21.79 10.57
CA PRO A 61 -14.34 22.59 11.72
C PRO A 61 -14.02 24.07 11.54
N TYR A 62 -13.00 24.39 10.73
CA TYR A 62 -12.64 25.78 10.42
C TYR A 62 -12.37 25.90 8.91
N SER A 63 -12.36 27.12 8.40
CA SER A 63 -12.11 27.35 6.98
C SER A 63 -10.73 26.89 6.55
N PHE A 64 -9.79 26.85 7.50
CA PHE A 64 -8.40 26.54 7.19
C PHE A 64 -7.98 25.14 7.63
N LEU A 65 -8.90 24.38 8.21
CA LEU A 65 -8.53 23.09 8.80
C LEU A 65 -9.48 21.96 8.44
N THR A 66 -8.92 20.86 7.95
CA THR A 66 -9.69 19.67 7.66
C THR A 66 -9.16 18.50 8.49
N LEU A 67 -10.09 17.77 9.11
CA LEU A 67 -9.75 16.54 9.81
C LEU A 67 -10.29 15.40 8.97
N ASN A 68 -9.50 14.33 8.82
CA ASN A 68 -9.82 13.33 7.82
C ASN A 68 -9.50 11.93 8.35
N ALA A 69 -10.44 11.01 8.18
CA ALA A 69 -10.18 9.60 8.46
C ALA A 69 -10.52 8.85 7.19
N ARG A 70 -9.59 8.02 6.75
CA ARG A 70 -9.86 7.22 5.56
C ARG A 70 -9.23 5.85 5.67
N GLY A 71 -9.67 4.96 4.80
CA GLY A 71 -9.11 3.63 4.81
C GLY A 71 -9.70 2.83 3.68
N TRP A 72 -9.12 1.66 3.44
CA TRP A 72 -9.69 0.74 2.47
C TRP A 72 -9.43 -0.67 2.94
N THR A 73 -10.21 -1.59 2.41
CA THR A 73 -10.01 -3.00 2.70
C THR A 73 -10.30 -3.84 1.48
N SER A 74 -9.54 -4.94 1.33
CA SER A 74 -9.95 -6.02 0.44
C SER A 74 -11.36 -6.45 0.81
N LEU A 75 -12.17 -6.78 -0.19
CA LEU A 75 -13.51 -7.30 0.05
C LEU A 75 -13.43 -8.78 0.37
N ALA A 76 -12.45 -9.47 -0.21
CA ALA A 76 -12.18 -10.88 0.04
C ALA A 76 -10.79 -11.17 -0.48
N SER A 77 -10.35 -12.43 -0.38
CA SER A 77 -9.04 -12.78 -0.90
C SER A 77 -8.99 -12.52 -2.40
N GLY A 78 -7.78 -12.30 -2.93
CA GLY A 78 -7.60 -11.97 -4.33
C GLY A 78 -6.39 -12.68 -4.90
N SER A 79 -6.04 -12.36 -6.14
CA SER A 79 -5.00 -13.13 -6.81
C SER A 79 -3.63 -12.52 -6.61
N GLY A 80 -2.64 -13.38 -6.43
CA GLY A 80 -1.27 -12.91 -6.34
C GLY A 80 -0.31 -13.87 -6.99
N ASN A 81 0.96 -13.71 -6.67
CA ASN A 81 2.01 -14.56 -7.22
C ASN A 81 3.18 -14.43 -6.27
N MET A 82 4.06 -15.43 -6.23
CA MET A 82 5.26 -15.30 -5.43
C MET A 82 6.41 -15.97 -6.14
N ASP A 83 7.55 -15.29 -6.19
CA ASP A 83 8.80 -15.90 -6.66
C ASP A 83 9.86 -15.73 -5.59
N ASP A 84 10.65 -16.78 -5.38
CA ASP A 84 11.53 -16.87 -4.22
C ASP A 84 12.94 -17.17 -4.74
N TYR A 85 13.87 -16.23 -4.53
CA TYR A 85 15.23 -16.35 -5.06
C TYR A 85 16.25 -16.44 -3.94
N ASP A 86 17.24 -17.31 -4.12
CA ASP A 86 18.37 -17.33 -3.17
C ASP A 86 19.69 -17.28 -3.90
N TRP A 87 20.67 -16.60 -3.28
CA TRP A 87 22.01 -16.51 -3.80
C TRP A 87 22.91 -17.31 -2.87
N MET A 88 22.90 -18.63 -3.01
CA MET A 88 23.61 -19.51 -2.08
C MET A 88 25.11 -19.59 -2.37
N ASN A 89 25.53 -19.06 -3.51
CA ASN A 89 26.94 -19.12 -3.90
C ASN A 89 27.54 -17.70 -3.86
N GLU A 90 28.40 -17.47 -2.87
CA GLU A 90 29.03 -16.17 -2.70
C GLU A 90 29.93 -15.83 -3.89
N ASN A 91 30.38 -16.86 -4.60
CA ASN A 91 31.27 -16.67 -5.74
C ASN A 91 30.51 -16.60 -7.08
N GLN A 92 29.22 -16.31 -6.99
CA GLN A 92 28.37 -16.22 -8.17
C GLN A 92 27.40 -15.06 -8.00
N SER A 93 27.26 -14.23 -9.03
CA SER A 93 26.39 -13.07 -8.96
C SER A 93 24.91 -13.44 -9.19
N GLU A 94 24.69 -14.40 -10.09
CA GLU A 94 23.33 -14.86 -10.37
C GLU A 94 22.80 -15.63 -9.18
N TRP A 95 21.49 -15.62 -8.97
CA TRP A 95 20.93 -16.47 -7.93
C TRP A 95 21.11 -17.93 -8.28
N THR A 96 21.20 -18.77 -7.26
CA THR A 96 21.36 -20.20 -7.48
C THR A 96 19.99 -20.90 -7.44
N ASP A 97 19.04 -20.34 -6.70
CA ASP A 97 17.76 -21.01 -6.50
C ASP A 97 16.60 -20.09 -6.85
N HIS A 98 15.57 -20.65 -7.46
CA HIS A 98 14.33 -19.93 -7.75
C HIS A 98 13.13 -20.86 -7.64
N SER A 99 12.20 -20.52 -6.75
CA SER A 99 10.91 -21.21 -6.68
C SER A 99 9.83 -20.26 -7.16
N SER A 100 8.84 -20.83 -7.84
CA SER A 100 7.77 -20.05 -8.45
C SER A 100 6.43 -20.56 -7.90
N HIS A 101 5.55 -19.66 -7.51
CA HIS A 101 4.27 -20.05 -6.94
C HIS A 101 3.14 -19.19 -7.52
N PRO A 102 2.74 -19.50 -8.76
CA PRO A 102 1.65 -18.79 -9.44
C PRO A 102 0.36 -18.86 -8.62
N ALA A 103 0.15 -19.97 -7.91
CA ALA A 103 -1.04 -20.09 -7.07
C ALA A 103 -0.77 -19.52 -5.67
N THR A 104 -0.64 -18.20 -5.64
CA THR A 104 -0.49 -17.50 -4.37
C THR A 104 -1.74 -16.66 -4.18
N ASN A 105 -2.34 -16.76 -3.01
CA ASN A 105 -3.52 -15.96 -2.67
C ASN A 105 -3.14 -14.72 -1.88
N VAL A 106 -3.79 -13.60 -2.17
CA VAL A 106 -3.70 -12.43 -1.30
C VAL A 106 -4.87 -12.58 -0.33
N ASN A 107 -4.58 -13.02 0.90
CA ASN A 107 -5.64 -13.28 1.88
C ASN A 107 -6.40 -12.03 2.24
N HIS A 108 -5.67 -10.95 2.48
CA HIS A 108 -6.31 -9.67 2.75
C HIS A 108 -5.32 -8.55 2.63
N ALA A 109 -5.85 -7.33 2.56
CA ALA A 109 -5.04 -6.13 2.52
C ALA A 109 -5.91 -5.02 3.09
N ASN A 110 -5.32 -4.14 3.88
CA ASN A 110 -6.11 -3.01 4.38
C ASN A 110 -5.22 -1.84 4.75
N GLU A 111 -5.84 -0.68 4.93
CA GLU A 111 -5.11 0.55 5.20
C GLU A 111 -6.03 1.50 5.93
N TYR A 112 -5.46 2.32 6.81
CA TYR A 112 -6.21 3.46 7.33
C TYR A 112 -5.22 4.60 7.52
N ASP A 113 -5.76 5.80 7.57
CA ASP A 113 -4.97 7.01 7.49
C ASP A 113 -5.79 8.08 8.22
N LEU A 114 -5.24 8.60 9.32
CA LEU A 114 -5.89 9.65 10.10
C LEU A 114 -5.02 10.88 10.00
N ASN A 115 -5.58 11.99 9.56
CA ASN A 115 -4.74 13.14 9.27
C ASN A 115 -5.45 14.47 9.42
N VAL A 116 -4.65 15.53 9.44
CA VAL A 116 -5.17 16.89 9.42
C VAL A 116 -4.57 17.60 8.22
N LYS A 117 -5.34 18.49 7.62
CA LYS A 117 -4.82 19.35 6.57
C LYS A 117 -5.01 20.80 7.00
N GLY A 118 -3.96 21.61 6.82
CA GLY A 118 -4.02 23.03 7.10
C GLY A 118 -3.86 23.78 5.79
N TRP A 119 -4.88 24.54 5.41
CA TRP A 119 -4.87 25.26 4.14
C TRP A 119 -4.18 26.62 4.29
N LEU A 120 -3.07 26.78 3.59
CA LEU A 120 -2.22 27.97 3.67
C LEU A 120 -2.57 28.98 2.59
N LEU A 121 -3.07 28.48 1.47
CA LEU A 121 -3.49 29.34 0.37
C LEU A 121 -4.87 28.93 -0.08
N GLN A 122 -5.77 29.90 -0.21
CA GLN A 122 -7.10 29.57 -0.66
C GLN A 122 -7.65 30.70 -1.51
N ASP A 123 -8.21 30.37 -2.66
CA ASP A 123 -9.01 31.32 -3.43
C ASP A 123 -10.16 30.63 -4.14
N GLU A 124 -10.77 31.32 -5.08
CA GLU A 124 -11.99 30.79 -5.71
C GLU A 124 -11.78 29.45 -6.42
N ASN A 125 -10.63 29.28 -7.06
CA ASN A 125 -10.40 28.07 -7.85
C ASN A 125 -9.32 27.11 -7.32
N TYR A 126 -8.47 27.60 -6.42
CA TYR A 126 -7.30 26.84 -5.94
C TYR A 126 -7.25 26.75 -4.41
N LYS A 127 -6.65 25.67 -3.93
CA LYS A 127 -6.36 25.55 -2.52
C LYS A 127 -5.03 24.80 -2.39
N ALA A 128 -4.18 25.21 -1.45
CA ALA A 128 -2.91 24.52 -1.22
C ALA A 128 -2.57 24.52 0.26
N GLY A 129 -2.06 23.40 0.75
CA GLY A 129 -1.78 23.32 2.17
C GLY A 129 -0.81 22.23 2.53
N ILE A 130 -0.67 22.02 3.83
CA ILE A 130 0.24 21.02 4.36
C ILE A 130 -0.58 20.00 5.12
N THR A 131 -0.06 18.79 5.22
CA THR A 131 -0.81 17.72 5.87
C THR A 131 0.15 16.94 6.77
N ALA A 132 -0.40 16.37 7.83
CA ALA A 132 0.35 15.47 8.71
C ALA A 132 -0.63 14.41 9.20
N GLY A 133 -0.15 13.18 9.35
CA GLY A 133 -1.05 12.13 9.75
C GLY A 133 -0.34 10.87 10.18
N TYR A 134 -1.12 9.83 10.39
CA TYR A 134 -0.62 8.55 10.81
C TYR A 134 -1.33 7.52 9.97
N GLN A 135 -0.58 6.57 9.42
CA GLN A 135 -1.13 5.62 8.47
C GLN A 135 -0.58 4.22 8.77
N GLU A 136 -1.40 3.19 8.59
CA GLU A 136 -0.95 1.82 8.71
C GLU A 136 -1.52 1.03 7.57
N THR A 137 -0.69 0.18 6.96
CA THR A 137 -1.12 -0.68 5.87
C THR A 137 -0.69 -2.12 6.16
N ARG A 138 -1.58 -3.07 5.85
CA ARG A 138 -1.31 -4.49 6.09
C ARG A 138 -1.58 -5.30 4.85
N PHE A 139 -0.74 -6.32 4.60
CA PHE A 139 -0.93 -7.26 3.51
C PHE A 139 -0.69 -8.66 4.04
N SER A 140 -1.42 -9.63 3.50
CA SER A 140 -1.21 -11.04 3.84
C SER A 140 -1.36 -11.92 2.61
N TRP A 141 -0.44 -12.86 2.44
CA TRP A 141 -0.48 -13.80 1.31
C TRP A 141 -0.28 -15.24 1.80
N THR A 142 -0.73 -16.20 1.00
CA THR A 142 -0.32 -17.61 1.16
C THR A 142 0.10 -18.15 -0.19
N ALA A 143 1.36 -18.55 -0.30
CA ALA A 143 1.85 -19.23 -1.49
C ALA A 143 1.60 -20.73 -1.39
N THR A 144 0.98 -21.30 -2.42
CA THR A 144 0.66 -22.73 -2.46
C THR A 144 1.29 -23.39 -3.69
N GLY A 145 1.46 -24.71 -3.62
CA GLY A 145 2.00 -25.47 -4.74
C GLY A 145 3.23 -24.85 -5.34
N GLY A 146 3.39 -24.98 -6.66
CA GLY A 146 4.47 -24.30 -7.34
C GLY A 146 5.59 -25.24 -7.75
N SER A 147 6.70 -24.66 -8.17
CA SER A 147 7.80 -25.45 -8.69
C SER A 147 9.10 -24.82 -8.21
N TYR A 148 10.20 -25.55 -8.34
CA TYR A 148 11.46 -25.04 -7.82
C TYR A 148 12.62 -25.48 -8.69
N SER A 149 13.61 -24.60 -8.82
CA SER A 149 14.84 -24.90 -9.51
C SER A 149 15.97 -24.53 -8.56
N TYR A 150 16.77 -25.52 -8.18
CA TYR A 150 17.81 -25.29 -7.19
C TYR A 150 19.18 -25.62 -7.77
N ASN A 151 20.22 -25.00 -7.21
CA ASN A 151 21.57 -25.26 -7.68
C ASN A 151 21.74 -24.97 -9.16
N ASN A 152 21.33 -23.78 -9.58
CA ASN A 152 21.51 -23.35 -10.97
C ASN A 152 20.76 -24.21 -11.99
N GLY A 153 19.63 -24.77 -11.57
CA GLY A 153 18.80 -25.54 -12.47
C GLY A 153 19.18 -27.00 -12.53
N ALA A 154 20.16 -27.40 -11.74
CA ALA A 154 20.57 -28.80 -11.75
C ALA A 154 19.45 -29.67 -11.19
N TYR A 155 18.73 -29.14 -10.21
CA TYR A 155 17.69 -29.88 -9.52
C TYR A 155 16.37 -29.15 -9.56
N THR A 156 15.33 -29.85 -9.97
CA THR A 156 14.04 -29.22 -10.18
C THR A 156 12.93 -30.17 -9.73
N GLY A 157 11.77 -29.61 -9.48
CA GLY A 157 10.64 -30.44 -9.08
C GLY A 157 9.46 -29.56 -8.76
N ASN A 158 8.44 -30.17 -8.16
CA ASN A 158 7.19 -29.48 -7.92
C ASN A 158 6.77 -29.61 -6.47
N PHE A 159 6.09 -28.59 -5.95
CA PHE A 159 5.44 -28.75 -4.66
C PHE A 159 4.05 -29.38 -4.86
N PRO A 160 3.53 -30.03 -3.82
CA PRO A 160 2.18 -30.63 -3.97
C PRO A 160 1.14 -29.55 -4.29
N LYS A 161 0.30 -29.83 -5.27
CA LYS A 161 -0.67 -28.84 -5.72
C LYS A 161 -1.62 -28.49 -4.59
N GLY A 162 -1.89 -27.19 -4.44
CA GLY A 162 -2.84 -26.69 -3.46
C GLY A 162 -2.38 -26.65 -2.01
N VAL A 163 -1.22 -27.24 -1.73
CA VAL A 163 -0.76 -27.27 -0.34
C VAL A 163 0.00 -26.00 0.00
N ARG A 164 -0.30 -25.40 1.15
CA ARG A 164 0.41 -24.17 1.51
C ARG A 164 1.89 -24.41 1.74
N VAL A 165 2.70 -23.49 1.22
CA VAL A 165 4.14 -23.63 1.26
C VAL A 165 4.72 -22.55 2.17
N ILE A 166 4.37 -21.29 1.88
CA ILE A 166 4.84 -20.17 2.68
C ILE A 166 3.71 -19.17 2.91
N GLY A 167 3.47 -18.82 4.17
CA GLY A 167 2.54 -17.74 4.51
C GLY A 167 3.35 -16.49 4.83
N TYR A 168 2.84 -15.31 4.48
CA TYR A 168 3.61 -14.09 4.68
C TYR A 168 2.69 -12.92 4.93
N ASN A 169 3.02 -12.10 5.93
CA ASN A 169 2.29 -10.86 6.08
C ASN A 169 3.22 -9.71 6.41
N GLN A 170 2.79 -8.51 6.03
CA GLN A 170 3.56 -7.29 6.28
C GLN A 170 2.67 -6.25 6.91
N ARG A 171 3.28 -5.35 7.69
CA ARG A 171 2.59 -4.21 8.24
C ARG A 171 3.54 -3.02 8.21
N PHE A 172 3.06 -1.88 7.71
CA PHE A 172 3.83 -0.64 7.68
C PHE A 172 3.05 0.41 8.46
N SER A 173 3.71 1.06 9.42
CA SER A 173 3.05 2.05 10.27
C SER A 173 3.94 3.28 10.27
N MET A 174 3.36 4.46 10.07
CA MET A 174 4.18 5.67 10.06
C MET A 174 3.40 6.92 10.34
N PRO A 175 4.04 7.88 11.04
CA PRO A 175 3.58 9.26 10.95
C PRO A 175 4.11 9.79 9.63
N TYR A 176 3.42 10.73 9.01
CA TYR A 176 3.89 11.26 7.75
C TYR A 176 3.55 12.74 7.64
N ILE A 177 4.19 13.41 6.70
CA ILE A 177 3.86 14.81 6.40
C ILE A 177 3.66 14.92 4.90
N GLY A 178 3.08 16.02 4.45
CA GLY A 178 2.82 16.15 3.04
C GLY A 178 2.30 17.50 2.59
N LEU A 179 2.00 17.56 1.29
CA LEU A 179 1.46 18.77 0.68
C LEU A 179 0.14 18.40 0.02
N ALA A 180 -0.83 19.31 0.06
CA ALA A 180 -2.15 19.02 -0.51
C ALA A 180 -2.55 20.18 -1.40
N GLY A 181 -3.21 19.87 -2.50
CA GLY A 181 -3.64 20.89 -3.44
C GLY A 181 -5.01 20.54 -4.01
N GLN A 182 -5.73 21.57 -4.44
CA GLN A 182 -7.01 21.34 -5.06
C GLN A 182 -7.22 22.40 -6.14
N TYR A 183 -7.83 21.99 -7.24
CA TYR A 183 -8.17 22.92 -8.30
C TYR A 183 -9.61 22.65 -8.70
N ARG A 184 -10.39 23.72 -8.86
CA ARG A 184 -11.80 23.57 -9.13
C ARG A 184 -12.20 24.59 -10.18
N ILE A 185 -12.92 24.15 -11.21
CA ILE A 185 -13.57 25.09 -12.12
C ILE A 185 -14.94 24.58 -12.46
N ASN A 186 -15.94 25.45 -12.30
CA ASN A 186 -17.32 25.04 -12.50
C ASN A 186 -17.58 23.84 -11.61
N ASP A 187 -18.02 22.75 -12.19
CA ASP A 187 -18.37 21.59 -11.37
C ASP A 187 -17.29 20.52 -11.36
N PHE A 188 -16.11 20.84 -11.89
CA PHE A 188 -15.02 19.88 -11.92
C PHE A 188 -14.06 20.16 -10.77
N GLU A 189 -13.58 19.09 -10.13
CA GLU A 189 -12.66 19.26 -9.01
C GLU A 189 -11.53 18.23 -9.08
N LEU A 190 -10.31 18.72 -8.93
CA LEU A 190 -9.12 17.86 -8.92
C LEU A 190 -8.40 18.05 -7.60
N ASN A 191 -8.16 16.94 -6.89
CA ASN A 191 -7.38 16.99 -5.65
C ASN A 191 -6.11 16.17 -5.84
N ALA A 192 -5.01 16.67 -5.30
CA ALA A 192 -3.74 15.94 -5.34
C ALA A 192 -3.04 16.09 -4.00
N LEU A 193 -2.49 14.99 -3.51
CA LEU A 193 -1.76 14.99 -2.25
C LEU A 193 -0.43 14.29 -2.50
N PHE A 194 0.62 14.79 -1.89
CA PHE A 194 1.92 14.13 -1.89
C PHE A 194 2.33 13.90 -0.45
N LYS A 195 2.67 12.67 -0.11
CA LYS A 195 2.94 12.29 1.27
C LYS A 195 4.36 11.74 1.38
N PHE A 196 4.99 12.01 2.52
CA PHE A 196 6.39 11.60 2.74
C PHE A 196 6.63 11.17 4.18
N SER A 197 7.47 10.18 4.37
CA SER A 197 7.89 9.82 5.71
C SER A 197 9.31 9.29 5.71
N ASP A 198 10.06 9.60 6.77
CA ASP A 198 11.36 8.97 7.04
C ASP A 198 11.28 8.15 8.31
N TRP A 199 10.06 7.84 8.74
CA TRP A 199 9.84 7.27 10.05
C TRP A 199 8.98 6.00 9.97
N VAL A 200 9.12 5.26 8.88
CA VAL A 200 8.28 4.07 8.72
C VAL A 200 8.77 2.92 9.63
N ARG A 201 7.83 2.32 10.36
CA ARG A 201 8.10 1.09 11.10
C ARG A 201 7.50 -0.07 10.34
N ALA A 202 8.32 -1.04 9.96
CA ALA A 202 7.83 -2.17 9.17
C ALA A 202 8.01 -3.47 9.95
N HIS A 203 7.03 -4.37 9.85
CA HIS A 203 7.11 -5.67 10.50
C HIS A 203 6.67 -6.69 9.47
N ASP A 204 7.22 -7.89 9.55
CA ASP A 204 6.66 -8.99 8.79
C ASP A 204 6.73 -10.30 9.56
N ASN A 205 5.90 -11.25 9.15
CA ASN A 205 5.89 -12.59 9.70
C ASN A 205 5.85 -13.54 8.52
N ASP A 206 6.67 -14.58 8.57
CA ASP A 206 6.75 -15.53 7.47
C ASP A 206 6.64 -16.92 8.10
N GLU A 207 5.69 -17.72 7.61
CA GLU A 207 5.62 -19.12 8.02
C GLU A 207 6.06 -20.02 6.87
N HIS A 208 7.21 -20.67 7.03
CA HIS A 208 7.66 -21.67 6.06
C HIS A 208 7.11 -23.01 6.49
N TYR A 209 5.88 -23.31 6.08
CA TYR A 209 5.16 -24.47 6.59
C TYR A 209 5.89 -25.79 6.36
N MET A 210 6.52 -25.91 5.21
CA MET A 210 7.19 -27.18 4.88
C MET A 210 8.54 -27.36 5.55
N ARG A 211 9.08 -26.27 6.10
CA ARG A 211 10.34 -26.33 6.83
C ARG A 211 10.13 -26.27 8.34
N ASP A 212 8.88 -26.13 8.79
CA ASP A 212 8.58 -25.97 10.21
C ASP A 212 9.35 -24.80 10.81
N LEU A 213 9.45 -23.70 10.07
CA LEU A 213 10.17 -22.53 10.54
C LEU A 213 9.26 -21.32 10.44
N THR A 214 9.39 -20.40 11.38
CA THR A 214 8.70 -19.11 11.33
C THR A 214 9.75 -18.01 11.43
N PHE A 215 9.61 -16.96 10.62
CA PHE A 215 10.52 -15.82 10.68
C PHE A 215 9.74 -14.57 11.05
N ARG A 216 10.40 -13.66 11.76
CA ARG A 216 9.82 -12.39 12.07
C ARG A 216 10.91 -11.36 11.76
N GLU A 217 10.56 -10.31 11.04
CA GLU A 217 11.50 -9.24 10.73
C GLU A 217 10.90 -7.91 11.11
N LYS A 218 11.76 -6.96 11.45
CA LYS A 218 11.28 -5.64 11.77
C LYS A 218 12.35 -4.65 11.36
N THR A 219 11.94 -3.51 10.83
CA THR A 219 12.87 -2.44 10.50
C THR A 219 12.25 -1.11 10.94
N SER A 220 13.11 -0.12 11.17
CA SER A 220 12.61 1.16 11.65
C SER A 220 13.31 2.26 10.86
N GLY A 221 12.69 3.44 10.79
CA GLY A 221 13.30 4.58 10.14
C GLY A 221 13.48 4.51 8.64
N SER A 222 12.61 3.76 7.95
CA SER A 222 12.70 3.72 6.49
C SER A 222 11.80 4.78 5.86
N ARG A 223 11.96 4.95 4.55
CA ARG A 223 11.30 6.04 3.84
C ARG A 223 10.02 5.59 3.13
N TYR A 224 9.10 6.52 2.99
CA TYR A 224 7.86 6.27 2.26
C TYR A 224 7.55 7.51 1.41
N TYR A 225 7.05 7.27 0.19
CA TYR A 225 6.49 8.34 -0.66
C TYR A 225 5.13 7.86 -1.10
N GLY A 226 4.16 8.77 -1.18
CA GLY A 226 2.85 8.37 -1.68
C GLY A 226 2.16 9.54 -2.35
N THR A 227 1.23 9.25 -3.26
CA THR A 227 0.39 10.29 -3.82
C THR A 227 -1.04 9.82 -3.89
N VAL A 228 -1.96 10.79 -3.86
CA VAL A 228 -3.37 10.52 -4.04
C VAL A 228 -3.86 11.57 -5.02
N ILE A 229 -4.47 11.14 -6.11
CA ILE A 229 -5.04 12.05 -7.10
C ILE A 229 -6.50 11.67 -7.31
N ASN A 230 -7.40 12.65 -7.22
CA ASN A 230 -8.84 12.38 -7.30
C ASN A 230 -9.40 13.39 -8.30
N ALA A 231 -10.18 12.90 -9.26
CA ALA A 231 -10.80 13.80 -10.23
C ALA A 231 -12.29 13.54 -10.17
N GLY A 232 -13.07 14.60 -10.03
CA GLY A 232 -14.48 14.43 -9.78
C GLY A 232 -15.35 15.49 -10.44
N TYR A 233 -16.64 15.21 -10.45
CA TYR A 233 -17.63 16.12 -11.02
C TYR A 233 -18.82 16.20 -10.09
N TYR A 234 -19.20 17.42 -9.75
CA TYR A 234 -20.36 17.62 -8.90
C TYR A 234 -21.62 17.47 -9.75
N VAL A 235 -22.27 16.32 -9.64
CA VAL A 235 -23.53 16.12 -10.35
C VAL A 235 -24.65 16.92 -9.70
N THR A 236 -24.49 17.21 -8.41
CA THR A 236 -25.32 18.21 -7.72
C THR A 236 -24.36 19.04 -6.88
N PRO A 237 -24.82 20.16 -6.31
CA PRO A 237 -23.87 20.94 -5.52
C PRO A 237 -23.30 20.21 -4.29
N ASN A 238 -23.96 19.13 -3.84
CA ASN A 238 -23.45 18.40 -2.66
C ASN A 238 -22.90 17.00 -2.95
N ALA A 239 -23.03 16.56 -4.18
CA ALA A 239 -22.68 15.17 -4.52
C ALA A 239 -21.66 15.15 -5.65
N LYS A 240 -20.50 14.54 -5.41
CA LYS A 240 -19.43 14.51 -6.39
C LYS A 240 -19.13 13.07 -6.75
N VAL A 241 -19.23 12.74 -8.03
CA VAL A 241 -18.83 11.42 -8.51
C VAL A 241 -17.39 11.52 -8.94
N PHE A 242 -16.57 10.52 -8.60
CA PHE A 242 -15.14 10.71 -8.78
C PHE A 242 -14.41 9.41 -9.08
N ALA A 243 -13.21 9.57 -9.63
CA ALA A 243 -12.27 8.46 -9.76
C ALA A 243 -11.04 8.86 -8.97
N GLU A 244 -10.40 7.89 -8.34
CA GLU A 244 -9.24 8.20 -7.51
C GLU A 244 -8.13 7.20 -7.80
N PHE A 245 -6.91 7.71 -7.86
CA PHE A 245 -5.70 6.91 -8.03
C PHE A 245 -4.78 7.18 -6.85
N THR A 246 -4.22 6.11 -6.27
CA THR A 246 -3.19 6.29 -5.26
C THR A 246 -1.98 5.45 -5.63
N TYR A 247 -0.81 5.90 -5.19
CA TYR A 247 0.42 5.14 -5.34
C TYR A 247 1.22 5.29 -4.05
N SER A 248 1.77 4.19 -3.57
CA SER A 248 2.52 4.19 -2.33
C SER A 248 3.77 3.39 -2.53
N LYS A 249 4.89 3.91 -2.04
CA LYS A 249 6.16 3.20 -2.05
C LYS A 249 6.76 3.21 -0.67
N TYR A 250 6.93 2.03 -0.09
CA TYR A 250 7.67 1.84 1.15
C TYR A 250 9.03 1.25 0.82
N ASP A 251 10.08 2.06 0.95
CA ASP A 251 11.47 1.61 0.71
C ASP A 251 11.93 0.66 1.80
N GLU A 252 12.88 -0.22 1.47
CA GLU A 252 13.52 -1.04 2.51
C GLU A 252 14.25 -0.09 3.44
N SER A 269 13.06 -12.74 14.76
CA SER A 269 14.24 -13.51 14.39
C SER A 269 15.24 -12.73 13.50
N ILE A 270 14.76 -11.98 12.51
CA ILE A 270 15.66 -11.26 11.59
C ILE A 270 15.69 -9.74 11.81
N GLY A 271 16.85 -9.22 12.19
CA GLY A 271 16.91 -7.80 12.53
C GLY A 271 18.02 -7.01 11.88
N GLY A 272 18.00 -5.71 12.15
CA GLY A 272 19.08 -4.80 11.76
C GLY A 272 19.48 -4.89 10.31
N ASP A 273 20.77 -5.15 10.08
CA ASP A 273 21.33 -5.18 8.73
C ASP A 273 20.95 -6.44 7.95
N ALA A 274 20.29 -7.39 8.59
CA ALA A 274 19.93 -8.64 7.92
C ALA A 274 18.59 -8.55 7.20
N ALA A 275 17.77 -7.59 7.60
CA ALA A 275 16.37 -7.54 7.19
C ALA A 275 16.12 -6.48 6.11
N GLY A 276 15.16 -6.75 5.24
CA GLY A 276 14.64 -5.75 4.33
C GLY A 276 13.18 -6.05 4.09
N ILE A 277 12.32 -5.03 4.19
CA ILE A 277 10.89 -5.24 4.03
C ILE A 277 10.37 -4.09 3.22
N SER A 278 9.79 -4.35 2.06
CA SER A 278 9.35 -3.23 1.21
C SER A 278 8.07 -3.55 0.48
N ASN A 279 7.44 -2.49 -0.03
CA ASN A 279 6.20 -2.62 -0.79
C ASN A 279 6.02 -1.43 -1.73
N LYS A 280 5.40 -1.67 -2.87
CA LYS A 280 4.83 -0.62 -3.70
C LYS A 280 3.40 -1.05 -3.98
N ASN A 281 2.46 -0.11 -4.01
CA ASN A 281 1.11 -0.51 -4.40
C ASN A 281 0.38 0.66 -5.04
N TYR A 282 -0.65 0.36 -5.81
CA TYR A 282 -1.52 1.42 -6.28
C TYR A 282 -2.97 0.99 -6.21
N THR A 283 -3.86 1.97 -6.11
CA THR A 283 -5.29 1.66 -6.12
C THR A 283 -5.93 2.55 -7.17
N VAL A 284 -6.98 2.02 -7.77
CA VAL A 284 -7.81 2.79 -8.68
C VAL A 284 -9.24 2.48 -8.29
N THR A 285 -10.01 3.51 -7.94
CA THR A 285 -11.38 3.30 -7.50
C THR A 285 -12.30 4.37 -8.09
N ALA A 286 -13.60 4.14 -7.98
CA ALA A 286 -14.59 5.13 -8.40
C ALA A 286 -15.72 5.11 -7.40
N GLY A 287 -16.31 6.27 -7.12
CA GLY A 287 -17.38 6.32 -6.15
C GLY A 287 -18.04 7.67 -6.04
N LEU A 288 -18.60 7.91 -4.87
CA LEU A 288 -19.49 9.05 -4.64
C LEU A 288 -19.06 9.68 -3.34
N GLN A 289 -18.93 11.01 -3.35
CA GLN A 289 -18.71 11.80 -2.14
C GLN A 289 -19.92 12.71 -1.91
N TYR A 290 -20.40 12.76 -0.67
CA TYR A 290 -21.54 13.64 -0.33
C TYR A 290 -21.17 14.58 0.81
N ARG A 291 -21.53 15.87 0.69
CA ARG A 291 -21.19 16.83 1.74
C ARG A 291 -22.44 17.24 2.52
N PHE A 292 -22.35 17.14 3.84
CA PHE A 292 -23.46 17.47 4.73
C PHE A 292 -23.17 18.83 5.34
N GLY A 293 -24.06 19.79 5.05
CA GLY A 293 -23.88 21.18 5.47
C GLY A 293 -23.69 21.34 6.97
C1 C8E B . -17.07 2.71 8.13
C2 C8E B . -15.65 2.46 8.62
C3 C8E B . -15.59 1.25 9.55
C4 C8E B . -14.23 0.57 9.49
C5 C8E B . -13.66 0.37 10.89
C6 C8E B . -12.94 -0.97 11.00
C7 C8E B . -12.06 -1.02 12.24
C8 C8E B . -11.58 -2.44 12.49
O9 C8E B . -10.61 -2.44 13.52
C2 C8E C . -3.36 13.76 13.24
C3 C8E C . -4.24 12.62 13.74
C4 C8E C . -3.41 11.36 13.95
C5 C8E C . -3.92 10.56 15.15
C6 C8E C . -2.76 9.97 15.93
C7 C8E C . -2.68 8.46 15.76
C8 C8E C . -1.42 7.92 16.43
O9 C8E C . -1.58 6.53 16.67
C1 C8E D . -15.31 1.61 3.67
C2 C8E D . -13.85 1.69 4.11
C3 C8E D . -13.51 0.73 5.25
C4 C8E D . -12.09 0.96 5.71
C5 C8E D . -11.40 -0.31 6.22
C6 C8E D . -10.56 0.01 7.45
C7 C8E D . -9.57 -1.09 7.76
C8 C8E D . -8.92 -0.88 9.12
O9 C8E D . -8.20 -2.02 9.52
C10 C8E D . -6.98 -1.66 10.14
C11 C8E D . -6.28 -2.90 10.68
O12 C8E D . -7.08 -3.54 11.64
C1 C8E E . -22.29 0.47 -0.65
C2 C8E E . -23.45 -0.50 -0.53
C3 C8E E . -23.32 -1.35 0.73
C4 C8E E . -21.89 -1.86 0.85
C5 C8E E . -21.52 -2.31 2.26
C6 C8E E . -20.19 -3.04 2.12
C7 C8E E . -19.66 -3.62 3.42
C8 C8E E . -18.24 -4.10 3.14
O9 C8E E . -17.77 -4.96 4.15
C10 C8E E . -16.62 -5.66 3.69
C11 C8E E . -15.92 -6.38 4.84
O12 C8E E . -14.89 -7.19 4.31
C13 C8E E . -13.98 -7.64 5.29
C14 C8E E . -12.89 -8.47 4.62
C1 C8E F . -17.28 25.02 14.76
C2 C8E F . -16.34 25.06 15.95
C3 C8E F . -15.28 23.97 15.84
C4 C8E F . -15.12 23.20 17.16
C5 C8E F . -14.27 21.96 16.97
C6 C8E F . -12.78 22.29 17.01
C7 C8E F . -11.91 21.04 17.07
C8 C8E F . -10.66 21.26 16.22
O9 C8E F . -9.51 20.73 16.85
C10 C8E F . -8.61 20.15 15.94
C11 C8E F . -7.31 19.81 16.67
O12 C8E F . -6.38 19.19 15.81
C13 C8E F . -5.06 19.39 16.25
C14 C8E F . -4.07 19.16 15.11
C1 C8E G . 2.25 9.69 15.75
C2 C8E G . 1.31 10.88 15.59
C3 C8E G . 1.39 11.44 14.18
C4 C8E G . 0.45 12.60 13.95
C5 C8E G . 1.16 13.68 13.13
C6 C8E G . 2.48 13.16 12.57
C7 C8E G . 3.49 14.31 12.43
C8 C8E G . 4.66 13.95 11.51
O9 C8E G . 5.86 13.99 12.26
C10 C8E G . 6.65 12.84 12.07
C11 C8E G . 7.92 12.95 12.91
O12 C8E G . 7.83 12.09 14.02
C13 C8E G . 8.93 11.20 14.09
C1 C8E H . -19.92 1.90 3.30
C2 C8E H . -19.60 0.55 3.93
C3 C8E H . -18.70 0.68 5.15
C4 C8E H . -18.53 -0.66 5.86
C5 C8E H . -17.11 -1.16 5.73
C6 C8E H . -16.65 -1.92 6.96
C7 C8E H . -15.29 -2.58 6.71
C8 C8E H . -14.73 -3.19 8.00
O9 C8E H . -13.68 -4.08 7.71
C10 C8E H . -12.58 -3.96 8.59
C11 C8E H . -11.53 -4.99 8.22
O12 C8E H . -10.52 -5.08 9.22
C13 C8E H . -10.39 -6.39 9.73
C1 C8E I . -25.62 16.11 -13.92
C2 C8E I . -26.95 15.37 -13.89
C3 C8E I . -26.79 13.92 -14.35
C4 C8E I . -25.71 13.21 -13.55
C5 C8E I . -26.22 11.88 -13.03
C6 C8E I . -25.20 10.77 -13.26
C7 C8E I . -24.86 10.09 -11.95
C8 C8E I . -23.45 9.53 -11.96
O9 C8E I . -23.48 8.13 -11.76
C10 C8E I . -22.60 7.45 -12.64
C11 C8E I . -22.13 6.18 -11.93
C1 C8E J . -2.52 24.22 -6.37
C2 C8E J . -3.03 23.44 -7.57
C3 C8E J . -2.84 21.94 -7.36
C4 C8E J . -3.54 21.13 -8.45
C5 C8E J . -4.34 19.98 -7.88
C1 C8E K . -10.07 29.93 15.37
C2 C8E K . -8.91 29.21 16.06
C3 C8E K . -9.23 27.75 16.35
C4 C8E K . -7.98 27.01 16.83
C5 C8E K . -7.82 25.63 16.18
C6 C8E K . -6.47 25.48 15.52
C7 C8E K . -5.97 24.04 15.55
C8 C8E K . -4.65 23.90 14.80
C1 C8E L . -14.05 6.05 6.68
C2 C8E L . -12.74 5.29 6.80
C3 C8E L . -12.67 4.53 8.12
C4 C8E L . -11.50 5.00 8.94
C5 C8E L . -10.65 3.81 9.37
C6 C8E L . -10.31 3.90 10.85
C7 C8E L . -9.58 2.65 11.33
C8 C8E L . -9.02 2.86 12.73
O9 C8E L . -8.75 1.61 13.31
C10 C8E L . -7.41 1.47 13.73
C11 C8E L . -7.30 0.24 14.62
O12 C8E L . -6.10 0.29 15.35
C1 C8E M . 0.63 22.93 -3.89
C2 C8E M . 1.01 21.59 -4.48
C3 C8E M . 0.17 20.46 -3.91
C4 C8E M . 0.08 19.28 -4.87
C5 C8E M . 0.33 17.97 -4.13
C6 C8E M . 1.45 17.16 -4.76
C7 C8E M . 0.91 16.13 -5.75
C8 C8E M . 2.06 15.41 -6.45
O9 C8E M . 1.65 14.13 -6.86
C2 C8E N . 13.10 -13.27 5.06
C3 C8E N . 13.62 -14.39 4.19
C4 C8E N . 13.68 -15.69 4.98
C5 C8E N . 13.60 -16.88 4.03
C6 C8E N . 14.72 -17.87 4.32
C7 C8E N . 14.19 -19.29 4.21
C8 C8E N . 15.31 -20.31 4.30
O9 C8E N . 14.77 -21.58 4.58
C1 C8E O . -9.97 -2.40 -13.33
C2 C8E O . -10.83 -1.85 -12.19
C3 C8E O . -10.83 -0.33 -12.17
C4 C8E O . -11.71 0.21 -11.05
C5 C8E O . -12.13 1.64 -11.34
C6 C8E O . -13.60 1.83 -10.98
C1 C8E P . -18.14 6.22 -11.14
C2 C8E P . -19.24 6.38 -10.10
C3 C8E P . -19.81 5.03 -9.72
C4 C8E P . -19.90 4.92 -8.21
C5 C8E P . -21.30 5.29 -7.75
C6 C8E P . -21.89 4.22 -6.84
C7 C8E P . -22.63 4.90 -5.70
C8 C8E P . -23.01 3.96 -4.57
O9 C8E P . -22.75 4.64 -3.36
C2 C8E Q . -7.76 10.49 -11.56
C3 C8E Q . -7.99 9.00 -11.35
C4 C8E Q . -7.69 8.20 -12.62
C5 C8E Q . -6.56 7.21 -12.37
C6 C8E Q . -6.52 6.10 -13.43
C7 C8E Q . -5.09 5.64 -13.64
C8 C8E Q . -5.03 4.21 -14.16
O9 C8E Q . -3.75 3.66 -13.92
C1 C8E R . -7.98 11.89 14.18
C2 C8E R . -8.65 12.56 12.99
C3 C8E R . -10.00 11.91 12.70
C4 C8E R . -11.07 12.98 12.49
C5 C8E R . -12.43 12.35 12.15
C6 C8E R . -12.92 12.81 10.78
C7 C8E R . -14.32 13.40 10.91
C1 C8E S . 4.54 19.75 6.92
C2 C8E S . 4.42 19.98 5.42
C3 C8E S . 5.79 20.15 4.77
C4 C8E S . 5.91 19.25 3.54
C5 C8E S . 7.23 18.47 3.58
C6 C8E S . 7.25 17.39 2.51
C7 C8E S . 8.59 17.41 1.75
C8 C8E S . 9.57 16.40 2.33
O9 C8E S . 10.20 15.73 1.26
C10 C8E S . 11.60 15.61 1.41
C11 C8E S . 12.11 14.67 0.33
O12 C8E S . 13.43 14.25 0.62
C1 C8E T . -4.66 30.49 7.59
C2 C8E T . -4.29 29.52 8.71
C3 C8E T . -3.25 28.51 8.22
C4 C8E T . -2.53 27.87 9.41
C5 C8E T . -2.21 26.40 9.12
C6 C8E T . -2.93 25.44 10.06
C7 C8E T . -1.97 24.37 10.57
C8 C8E T . -2.70 23.15 11.14
O9 C8E T . -1.79 22.07 11.17
C10 C8E T . -2.19 20.98 10.39
C11 C8E T . -1.14 20.71 9.31
O12 C8E T . 0.04 20.21 9.88
C1 C8E U . -18.24 13.16 11.32
C2 C8E U . -17.74 14.59 11.30
C3 C8E U . -18.18 15.36 12.52
C4 C8E U . -19.19 16.46 12.17
C1 C8E V . -13.29 11.97 -14.16
C2 C8E V . -14.43 12.82 -13.59
C3 C8E V . -15.49 11.94 -12.95
C4 C8E V . -15.06 10.48 -12.93
C5 C8E V . -16.26 9.55 -13.13
C6 C8E V . -16.14 8.32 -12.24
C1 C8E W . 16.86 -23.61 -1.00
C2 C8E W . 16.56 -22.70 0.18
C3 C8E W . 17.82 -22.02 0.70
C4 C8E W . 17.56 -21.33 2.03
C5 C8E W . 17.98 -19.86 2.03
C6 C8E W . 18.96 -19.55 3.15
C1 C8E X . -5.31 26.26 -15.38
C2 C8E X . -5.51 24.81 -14.96
C3 C8E X . -4.48 24.38 -13.92
C4 C8E X . -4.61 22.90 -13.61
C5 C8E X . -4.39 22.60 -12.13
C6 C8E X . -3.15 21.73 -11.93
S SO4 Y . -12.92 30.24 10.44
O1 SO4 Y . -12.13 30.90 9.40
O2 SO4 Y . -14.31 30.67 10.35
O3 SO4 Y . -12.37 30.59 11.75
O4 SO4 Y . -12.86 28.80 10.28
S SO4 Z . 4.23 -0.64 15.38
O1 SO4 Z . 3.86 -0.53 13.98
O2 SO4 Z . 3.86 0.58 16.09
O3 SO4 Z . 5.68 -0.84 15.48
O4 SO4 Z . 3.56 -1.79 16.01
#